data_2PEH
#
_entry.id   2PEH
#
_cell.length_a   45.920
_cell.length_b   66.380
_cell.length_c   72.770
_cell.angle_alpha   90.00
_cell.angle_beta   90.00
_cell.angle_gamma   90.00
#
_symmetry.space_group_name_H-M   'P 21 21 21'
#
loop_
_entity.id
_entity.type
_entity.pdbx_description
1 polymer 'Splicing factor 45'
2 polymer 'Splicing factor 3B subunit 1'
3 water water
#
loop_
_entity_poly.entity_id
_entity_poly.type
_entity_poly.pdbx_seq_one_letter_code
_entity_poly.pdbx_strand_id
1 'polypeptide(L)'
;GAMGKCPTKVVLLRNMVGAGEVDEDLEVETKEECEKYGKVGKCVIFEIPGAPDDEAVRIFLEFERVESAIKAVVDLNGRY
FGGRVVKACFYNLDKFRVLDLAEQV
;
A,B
2 'polypeptide(L)' KRKSRWDETP C,D
#
# COMPACT_ATOMS: atom_id res chain seq x y z
N ALA A 2 12.99 -8.46 -19.74
CA ALA A 2 13.57 -7.98 -18.44
C ALA A 2 12.74 -6.84 -17.88
N MET A 3 11.78 -7.17 -17.04
CA MET A 3 10.82 -6.22 -16.49
C MET A 3 11.47 -4.97 -15.90
N GLY A 4 12.59 -5.15 -15.19
CA GLY A 4 13.23 -4.06 -14.47
C GLY A 4 13.78 -2.94 -15.33
N LYS A 5 13.95 -3.21 -16.61
CA LYS A 5 14.55 -2.27 -17.53
C LYS A 5 13.52 -1.38 -18.25
N CYS A 6 12.24 -1.71 -18.10
CA CYS A 6 11.16 -1.03 -18.80
CA CYS A 6 11.14 -1.07 -18.80
C CYS A 6 10.48 0.04 -17.94
N PRO A 7 10.74 1.33 -18.24
CA PRO A 7 10.13 2.44 -17.51
C PRO A 7 8.64 2.36 -17.28
N THR A 8 8.27 2.54 -16.02
CA THR A 8 6.89 2.59 -15.56
C THR A 8 6.83 3.60 -14.41
N LYS A 9 5.63 3.85 -13.91
CA LYS A 9 5.43 4.68 -12.72
C LYS A 9 5.87 4.04 -11.42
N VAL A 10 6.12 2.73 -11.43
CA VAL A 10 6.50 1.99 -10.22
C VAL A 10 8.02 1.70 -10.17
N VAL A 11 8.67 2.19 -9.11
CA VAL A 11 10.08 1.91 -8.84
C VAL A 11 10.21 0.86 -7.75
N LEU A 12 11.06 -0.13 -8.01
CA LEU A 12 11.40 -1.14 -7.03
C LEU A 12 12.84 -0.91 -6.48
N LEU A 13 12.92 -0.71 -5.16
CA LEU A 13 14.19 -0.68 -4.45
C LEU A 13 14.46 -1.97 -3.69
N ARG A 14 15.66 -2.51 -3.94
CA ARG A 14 16.14 -3.74 -3.32
C ARG A 14 17.47 -3.43 -2.67
N ASN A 15 17.82 -4.28 -1.71
CA ASN A 15 19.01 -4.18 -0.85
C ASN A 15 19.02 -2.99 0.09
N MET A 16 17.86 -2.41 0.36
CA MET A 16 17.84 -1.24 1.25
C MET A 16 18.21 -1.67 2.66
N VAL A 17 17.57 -2.75 3.09
CA VAL A 17 17.81 -3.44 4.36
C VAL A 17 17.71 -4.94 4.10
N GLY A 18 18.24 -5.72 5.03
CA GLY A 18 18.26 -7.18 4.96
C GLY A 18 16.98 -7.85 5.40
N ALA A 19 16.92 -9.18 5.27
CA ALA A 19 15.69 -9.88 5.60
C ALA A 19 15.46 -9.74 7.11
N GLY A 20 14.23 -9.38 7.48
CA GLY A 20 13.85 -9.20 8.87
C GLY A 20 14.30 -7.88 9.45
N GLU A 21 14.79 -6.96 8.61
CA GLU A 21 15.32 -5.68 9.06
C GLU A 21 14.50 -4.46 8.67
N VAL A 22 13.20 -4.60 8.42
CA VAL A 22 12.40 -3.41 8.07
C VAL A 22 11.89 -2.72 9.36
N ASP A 23 12.68 -1.73 9.77
CA ASP A 23 12.45 -0.94 10.97
C ASP A 23 11.32 0.04 10.80
N GLU A 24 10.90 0.68 11.90
CA GLU A 24 9.73 1.56 11.88
C GLU A 24 9.94 2.86 11.06
N ASP A 25 11.18 3.20 10.75
CA ASP A 25 11.48 4.47 10.04
C ASP A 25 11.79 4.31 8.56
N LEU A 26 11.89 3.07 8.09
CA LEU A 26 12.34 2.80 6.73
C LEU A 26 11.44 3.44 5.67
N GLU A 27 10.13 3.31 5.87
CA GLU A 27 9.19 3.76 4.86
C GLU A 27 9.20 5.29 4.69
N VAL A 28 9.22 6.02 5.81
CA VAL A 28 9.25 7.49 5.80
C VAL A 28 10.58 8.02 5.25
N GLU A 29 11.71 7.46 5.73
CA GLU A 29 13.03 7.75 5.17
C GLU A 29 13.07 7.57 3.66
N THR A 30 12.50 6.46 3.17
CA THR A 30 12.41 6.21 1.72
C THR A 30 11.52 7.25 1.04
N LYS A 31 10.28 7.38 1.53
CA LYS A 31 9.28 8.20 0.86
C LYS A 31 9.75 9.65 0.75
N GLU A 32 10.16 10.23 1.86
CA GLU A 32 10.48 11.63 1.90
C GLU A 32 11.73 12.01 1.07
N GLU A 33 12.66 11.09 0.89
CA GLU A 33 13.74 11.30 -0.07
C GLU A 33 13.20 11.23 -1.52
N CYS A 34 12.36 10.26 -1.83
CA CYS A 34 11.90 10.04 -3.20
C CYS A 34 10.96 11.11 -3.73
N GLU A 35 10.34 11.86 -2.82
CA GLU A 35 9.49 12.99 -3.17
C GLU A 35 10.30 14.09 -3.84
N LYS A 36 11.62 14.08 -3.69
CA LYS A 36 12.48 15.01 -4.43
C LYS A 36 12.54 14.71 -5.94
N TYR A 37 12.18 13.49 -6.36
CA TYR A 37 12.08 13.17 -7.80
C TYR A 37 10.70 13.52 -8.38
N GLY A 38 9.68 13.54 -7.51
CA GLY A 38 8.33 13.96 -7.91
C GLY A 38 7.36 13.32 -6.93
N LYS A 39 6.07 13.58 -7.11
CA LYS A 39 5.06 13.15 -6.15
C LYS A 39 4.92 11.63 -6.10
N VAL A 40 4.98 11.09 -4.90
CA VAL A 40 4.81 9.66 -4.65
C VAL A 40 3.36 9.41 -4.26
N GLY A 41 2.73 8.46 -4.96
CA GLY A 41 1.32 8.14 -4.75
C GLY A 41 1.12 7.04 -3.71
N LYS A 42 2.07 6.12 -3.63
CA LYS A 42 1.92 4.89 -2.83
C LYS A 42 3.27 4.20 -2.58
N CYS A 43 3.39 3.56 -1.42
CA CYS A 43 4.59 2.81 -1.01
C CYS A 43 4.16 1.51 -0.35
N VAL A 44 4.67 0.39 -0.88
CA VAL A 44 4.44 -0.93 -0.34
C VAL A 44 5.81 -1.54 -0.04
N ILE A 45 5.97 -2.10 1.17
CA ILE A 45 7.15 -2.89 1.50
C ILE A 45 6.67 -4.32 1.70
N PHE A 46 7.28 -5.24 0.96
CA PHE A 46 6.98 -6.68 1.06
C PHE A 46 8.29 -7.43 1.14
N GLU A 47 8.39 -8.37 2.09
CA GLU A 47 9.56 -9.23 2.24
CA GLU A 47 9.57 -9.22 2.20
C GLU A 47 9.26 -10.61 1.65
N ILE A 48 10.05 -11.03 0.65
CA ILE A 48 9.82 -12.31 -0.03
C ILE A 48 10.31 -13.49 0.82
N PRO A 49 9.38 -14.35 1.29
CA PRO A 49 9.74 -15.49 2.14
C PRO A 49 10.87 -16.37 1.58
N GLY A 50 11.95 -16.51 2.35
CA GLY A 50 13.05 -17.40 2.01
C GLY A 50 14.07 -16.86 1.03
N ALA A 51 13.81 -15.68 0.45
CA ALA A 51 14.73 -15.04 -0.49
C ALA A 51 16.08 -14.70 0.17
N PRO A 52 17.14 -14.55 -0.64
CA PRO A 52 18.44 -14.06 -0.14
C PRO A 52 18.38 -12.66 0.49
N ASP A 53 19.32 -12.41 1.41
CA ASP A 53 19.34 -11.19 2.21
C ASP A 53 19.49 -9.89 1.43
N ASP A 54 20.14 -9.91 0.28
CA ASP A 54 20.30 -8.73 -0.55
C ASP A 54 19.14 -8.57 -1.56
N GLU A 55 18.11 -9.40 -1.38
CA GLU A 55 16.94 -9.49 -2.29
C GLU A 55 15.57 -9.68 -1.60
N ALA A 56 15.54 -10.06 -0.33
CA ALA A 56 14.28 -10.40 0.34
C ALA A 56 13.35 -9.18 0.47
N VAL A 57 13.86 -8.06 1.01
CA VAL A 57 13.03 -6.87 1.22
C VAL A 57 12.87 -6.08 -0.05
N ARG A 58 11.63 -5.93 -0.51
CA ARG A 58 11.34 -5.14 -1.71
C ARG A 58 10.49 -3.90 -1.36
N ILE A 59 10.96 -2.71 -1.76
CA ILE A 59 10.25 -1.45 -1.47
C ILE A 59 9.75 -0.90 -2.80
N PHE A 60 8.42 -0.76 -2.92
CA PHE A 60 7.79 -0.27 -4.14
C PHE A 60 7.34 1.14 -3.92
N LEU A 61 7.72 2.04 -4.82
CA LEU A 61 7.17 3.39 -4.86
C LEU A 61 6.45 3.61 -6.19
N GLU A 62 5.14 3.89 -6.12
CA GLU A 62 4.39 4.32 -7.29
C GLU A 62 4.34 5.87 -7.35
N PHE A 63 5.02 6.40 -8.37
CA PHE A 63 4.99 7.82 -8.64
C PHE A 63 3.75 8.17 -9.44
N GLU A 64 3.34 9.43 -9.36
CA GLU A 64 2.30 9.98 -10.20
C GLU A 64 2.72 10.08 -11.67
N ARG A 65 3.96 10.50 -11.92
CA ARG A 65 4.51 10.61 -13.27
C ARG A 65 5.58 9.56 -13.49
N VAL A 66 5.54 8.93 -14.67
CA VAL A 66 6.64 8.10 -15.18
C VAL A 66 7.97 8.87 -15.30
N GLU A 67 7.91 10.17 -15.62
CA GLU A 67 9.14 11.00 -15.65
C GLU A 67 9.86 11.05 -14.29
N SER A 68 9.09 11.13 -13.20
CA SER A 68 9.65 11.12 -11.84
C SER A 68 10.26 9.78 -11.48
N ALA A 69 9.55 8.71 -11.83
CA ALA A 69 10.06 7.35 -11.69
C ALA A 69 11.39 7.09 -12.40
N ILE A 70 11.54 7.62 -13.62
CA ILE A 70 12.79 7.50 -14.38
C ILE A 70 13.92 8.25 -13.70
N LYS A 71 13.62 9.43 -13.15
CA LYS A 71 14.61 10.20 -12.40
C LYS A 71 15.08 9.42 -11.19
N ALA A 72 14.12 8.80 -10.47
CA ALA A 72 14.40 8.00 -9.27
C ALA A 72 15.36 6.87 -9.57
N VAL A 73 15.07 6.08 -10.59
CA VAL A 73 15.87 4.89 -10.92
C VAL A 73 17.30 5.31 -11.25
N VAL A 74 17.46 6.36 -12.05
CA VAL A 74 18.81 6.78 -12.44
CA VAL A 74 18.78 6.85 -12.45
C VAL A 74 19.59 7.24 -11.20
N ASP A 75 18.97 7.96 -10.29
CA ASP A 75 19.67 8.46 -9.12
C ASP A 75 19.85 7.40 -8.03
N LEU A 76 18.84 6.56 -7.79
CA LEU A 76 18.85 5.62 -6.69
C LEU A 76 19.62 4.33 -7.01
N ASN A 77 19.73 3.97 -8.28
CA ASN A 77 20.46 2.76 -8.57
C ASN A 77 21.98 2.92 -8.31
N GLY A 78 22.51 2.09 -7.41
CA GLY A 78 23.92 2.12 -7.07
C GLY A 78 24.21 3.07 -5.92
N ARG A 79 23.19 3.77 -5.44
CA ARG A 79 23.34 4.74 -4.37
C ARG A 79 23.44 4.01 -3.03
N TYR A 80 24.18 4.60 -2.07
CA TYR A 80 24.25 4.04 -0.74
C TYR A 80 23.01 4.36 0.09
N PHE A 81 22.57 3.35 0.86
CA PHE A 81 21.59 3.54 1.93
C PHE A 81 21.97 2.69 3.13
N GLY A 82 22.41 3.36 4.19
CA GLY A 82 22.76 2.67 5.42
C GLY A 82 23.86 1.65 5.25
N GLY A 83 24.87 1.98 4.44
CA GLY A 83 25.95 1.06 4.19
C GLY A 83 25.76 0.06 3.05
N ARG A 84 24.58 0.04 2.43
CA ARG A 84 24.26 -0.94 1.39
C ARG A 84 24.12 -0.24 0.03
N VAL A 85 24.51 -0.94 -1.02
CA VAL A 85 24.32 -0.47 -2.39
C VAL A 85 22.93 -0.88 -2.85
N VAL A 86 22.11 0.14 -3.05
CA VAL A 86 20.73 -0.02 -3.47
C VAL A 86 20.65 -0.40 -4.93
N LYS A 87 19.77 -1.35 -5.22
CA LYS A 87 19.42 -1.77 -6.57
C LYS A 87 18.09 -1.12 -6.86
N ALA A 88 18.03 -0.34 -7.94
CA ALA A 88 16.77 0.34 -8.27
C ALA A 88 16.38 -0.02 -9.70
N CYS A 89 15.10 -0.31 -9.93
CA CYS A 89 14.62 -0.64 -11.24
C CYS A 89 13.14 -0.37 -11.31
N PHE A 90 12.54 -0.69 -12.45
CA PHE A 90 11.13 -0.51 -12.65
C PHE A 90 10.38 -1.82 -12.37
N TYR A 91 9.08 -1.71 -12.14
CA TYR A 91 8.21 -2.87 -11.95
C TYR A 91 6.91 -2.67 -12.71
N ASN A 92 6.37 -3.77 -13.20
CA ASN A 92 5.15 -3.75 -13.98
C ASN A 92 3.99 -3.15 -13.14
N LEU A 93 3.34 -2.12 -13.66
CA LEU A 93 2.24 -1.44 -12.96
C LEU A 93 1.09 -2.37 -12.64
N ASP A 94 0.68 -3.16 -13.62
CA ASP A 94 -0.48 -4.03 -13.44
C ASP A 94 -0.25 -5.15 -12.43
N LYS A 95 0.97 -5.67 -12.40
CA LYS A 95 1.34 -6.65 -11.36
C LYS A 95 1.37 -5.98 -9.98
N PHE A 96 1.91 -4.77 -9.92
CA PHE A 96 1.94 -4.02 -8.68
C PHE A 96 0.51 -3.75 -8.17
N ARG A 97 -0.37 -3.29 -9.05
CA ARG A 97 -1.75 -2.99 -8.64
C ARG A 97 -2.52 -4.18 -8.13
N VAL A 98 -2.16 -5.40 -8.53
CA VAL A 98 -2.78 -6.62 -7.94
C VAL A 98 -1.89 -7.29 -6.89
N LEU A 99 -0.86 -6.59 -6.43
CA LEU A 99 0.08 -7.12 -5.44
C LEU A 99 0.68 -8.46 -5.81
N ASP A 100 1.06 -8.61 -7.07
CA ASP A 100 1.94 -9.68 -7.53
C ASP A 100 3.34 -9.13 -7.44
N LEU A 101 3.99 -9.32 -6.28
CA LEU A 101 5.13 -8.52 -5.86
C LEU A 101 6.50 -9.24 -5.82
N ALA A 102 6.51 -10.52 -6.23
CA ALA A 102 7.71 -11.36 -6.18
C ALA A 102 8.20 -11.79 -7.56
N GLU A 103 7.89 -11.02 -8.59
CA GLU A 103 8.34 -11.36 -9.94
C GLU A 103 9.80 -11.00 -10.17
N GLN A 104 10.44 -11.80 -11.02
CA GLN A 104 11.82 -11.57 -11.37
C GLN A 104 11.81 -10.32 -12.22
N VAL A 105 12.85 -9.52 -12.05
CA VAL A 105 12.90 -8.16 -12.58
C VAL A 105 14.07 -8.05 -13.55
N LYS B 1 14.68 14.97 13.39
CA LYS B 1 15.37 15.10 12.10
C LYS B 1 16.80 14.56 12.20
N ARG B 2 16.98 13.47 12.93
CA ARG B 2 18.15 12.63 12.77
C ARG B 2 18.43 12.36 11.31
N LYS B 3 19.71 12.42 10.94
CA LYS B 3 20.15 12.27 9.56
C LYS B 3 19.71 10.92 9.03
N SER B 4 19.25 10.93 7.77
CA SER B 4 18.82 9.73 7.09
C SER B 4 19.99 8.82 6.80
N ARG B 5 19.67 7.57 6.50
CA ARG B 5 20.65 6.62 6.02
C ARG B 5 21.07 6.84 4.56
N TRP B 6 20.40 7.72 3.81
CA TRP B 6 20.82 7.98 2.43
C TRP B 6 22.28 8.43 2.35
N ASP B 7 23.00 7.82 1.40
CA ASP B 7 24.44 8.10 1.11
C ASP B 7 25.41 7.73 2.22
N GLU B 8 24.95 6.92 3.17
CA GLU B 8 25.81 6.39 4.21
C GLU B 8 26.65 5.23 3.68
N THR B 9 27.97 5.39 3.75
CA THR B 9 28.90 4.33 3.36
C THR B 9 28.97 3.26 4.46
N PRO B 10 29.52 2.09 4.12
CA PRO B 10 29.79 1.03 5.09
C PRO B 10 30.70 1.45 6.25
N ALA C 2 -13.38 -14.96 15.74
CA ALA C 2 -13.75 -14.14 14.54
C ALA C 2 -12.91 -12.88 14.51
N MET C 3 -12.02 -12.80 13.52
CA MET C 3 -11.01 -11.74 13.45
C MET C 3 -11.63 -10.34 13.31
N GLY C 4 -12.70 -10.23 12.53
CA GLY C 4 -13.36 -8.94 12.25
C GLY C 4 -14.03 -8.28 13.44
N LYS C 5 -14.29 -9.06 14.49
CA LYS C 5 -14.88 -8.54 15.73
C LYS C 5 -13.83 -7.99 16.71
N CYS C 6 -12.55 -8.25 16.45
CA CYS C 6 -11.46 -7.82 17.35
C CYS C 6 -10.94 -6.43 16.92
N PRO C 7 -11.17 -5.38 17.74
CA PRO C 7 -10.68 -4.07 17.36
C PRO C 7 -9.17 -3.95 17.16
N THR C 8 -8.78 -3.34 16.04
CA THR C 8 -7.38 -3.05 15.67
C THR C 8 -7.34 -1.69 14.96
N LYS C 9 -6.14 -1.25 14.56
CA LYS C 9 -5.96 0.04 13.81
C LYS C 9 -6.39 -0.07 12.30
N VAL C 10 -6.64 -1.29 11.84
CA VAL C 10 -7.01 -1.58 10.45
C VAL C 10 -8.52 -1.85 10.29
N VAL C 11 -9.17 -1.11 9.39
CA VAL C 11 -10.59 -1.28 9.13
C VAL C 11 -10.77 -1.93 7.75
N LEU C 12 -11.57 -3.00 7.70
CA LEU C 12 -11.93 -3.65 6.45
C LEU C 12 -13.39 -3.32 6.02
N LEU C 13 -13.48 -2.70 4.84
CA LEU C 13 -14.74 -2.37 4.21
C LEU C 13 -15.01 -3.31 3.03
N ARG C 14 -16.15 -4.00 3.08
CA ARG C 14 -16.60 -4.87 2.01
C ARG C 14 -17.93 -4.40 1.49
N ASN C 15 -18.20 -4.76 0.24
CA ASN C 15 -19.45 -4.44 -0.45
C ASN C 15 -19.55 -2.95 -0.78
N MET C 16 -18.43 -2.24 -0.82
CA MET C 16 -18.41 -0.85 -1.24
C MET C 16 -18.83 -0.77 -2.72
N VAL C 17 -18.10 -1.52 -3.54
CA VAL C 17 -18.41 -1.77 -4.95
C VAL C 17 -18.22 -3.26 -5.26
N GLY C 18 -18.68 -3.69 -6.42
CA GLY C 18 -18.62 -5.10 -6.87
C GLY C 18 -17.37 -5.39 -7.64
N ALA C 19 -17.18 -6.65 -8.02
CA ALA C 19 -16.00 -7.09 -8.75
C ALA C 19 -15.79 -6.24 -10.01
N GLY C 20 -14.53 -5.87 -10.25
CA GLY C 20 -14.19 -5.04 -11.40
C GLY C 20 -14.63 -3.59 -11.39
N GLU C 21 -15.15 -3.09 -10.25
CA GLU C 21 -15.63 -1.71 -10.15
C GLU C 21 -14.68 -0.85 -9.34
N VAL C 22 -13.39 -1.21 -9.35
CA VAL C 22 -12.36 -0.48 -8.59
C VAL C 22 -11.89 0.71 -9.41
N ASP C 23 -12.38 1.91 -9.08
CA ASP C 23 -12.04 3.11 -9.84
C ASP C 23 -10.94 3.93 -9.16
N GLU C 24 -10.30 4.78 -9.96
CA GLU C 24 -9.13 5.55 -9.55
C GLU C 24 -9.48 6.49 -8.41
N ASP C 25 -10.74 6.93 -8.40
CA ASP C 25 -11.26 7.77 -7.34
C ASP C 25 -11.90 7.01 -6.17
N LEU C 26 -12.07 5.70 -6.29
CA LEU C 26 -12.62 4.92 -5.17
C LEU C 26 -11.78 5.08 -3.90
N GLU C 27 -10.45 5.02 -4.05
CA GLU C 27 -9.53 5.16 -2.92
C GLU C 27 -9.53 6.54 -2.28
N VAL C 28 -9.49 7.60 -3.11
CA VAL C 28 -9.54 8.97 -2.60
C VAL C 28 -10.84 9.13 -1.81
N GLU C 29 -11.94 8.93 -2.56
CA GLU C 29 -13.30 9.06 -2.06
C GLU C 29 -13.53 8.34 -0.74
N THR C 30 -12.99 7.13 -0.61
CA THR C 30 -13.10 6.38 0.63
C THR C 30 -12.26 7.04 1.73
N LYS C 31 -11.01 7.37 1.41
CA LYS C 31 -10.02 7.83 2.40
C LYS C 31 -10.29 9.26 2.87
N GLU C 32 -10.68 10.13 1.96
CA GLU C 32 -11.03 11.50 2.30
C GLU C 32 -12.19 11.54 3.29
N GLU C 33 -13.14 10.63 3.12
CA GLU C 33 -14.26 10.51 4.04
C GLU C 33 -13.83 10.01 5.42
N CYS C 34 -13.02 8.97 5.44
CA CYS C 34 -12.59 8.37 6.70
C CYS C 34 -11.58 9.21 7.50
N GLU C 35 -11.13 10.34 6.96
CA GLU C 35 -10.26 11.27 7.73
C GLU C 35 -11.03 11.92 8.90
N LYS C 36 -12.35 11.79 8.92
CA LYS C 36 -13.19 12.37 9.94
C LYS C 36 -13.28 11.50 11.18
N TYR C 37 -12.94 10.22 11.06
CA TYR C 37 -12.84 9.36 12.23
C TYR C 37 -11.46 9.51 12.86
N GLY C 38 -10.52 10.06 12.09
CA GLY C 38 -9.16 10.31 12.58
C GLY C 38 -8.13 10.21 11.47
N LYS C 39 -6.85 10.39 11.80
CA LYS C 39 -5.78 10.44 10.81
C LYS C 39 -5.62 9.09 10.15
N VAL C 40 -5.94 9.05 8.86
CA VAL C 40 -5.80 7.84 8.04
C VAL C 40 -4.35 7.70 7.59
N GLY C 41 -3.75 6.55 7.88
CA GLY C 41 -2.35 6.31 7.61
C GLY C 41 -2.15 5.93 6.16
N LYS C 42 -2.90 4.93 5.73
CA LYS C 42 -2.90 4.59 4.33
C LYS C 42 -4.11 3.78 3.98
N CYS C 43 -4.31 3.65 2.68
CA CYS C 43 -5.40 2.91 2.12
C CYS C 43 -4.82 1.94 1.12
N VAL C 44 -5.32 0.71 1.19
CA VAL C 44 -4.98 -0.37 0.29
C VAL C 44 -6.28 -1.00 -0.18
N ILE C 45 -6.43 -1.14 -1.50
CA ILE C 45 -7.53 -1.92 -2.10
C ILE C 45 -7.04 -3.21 -2.76
N PHE C 46 -7.65 -4.34 -2.38
CA PHE C 46 -7.31 -5.64 -2.92
C PHE C 46 -8.59 -6.32 -3.40
N GLU C 47 -8.53 -6.80 -4.64
CA GLU C 47 -9.64 -7.50 -5.23
C GLU C 47 -9.30 -8.98 -5.19
N ILE C 48 -10.18 -9.81 -4.61
CA ILE C 48 -10.03 -11.26 -4.56
C ILE C 48 -10.56 -11.91 -5.87
N PRO C 49 -9.65 -12.41 -6.73
CA PRO C 49 -10.13 -13.01 -7.98
C PRO C 49 -11.19 -14.12 -7.76
N GLY C 50 -12.30 -14.03 -8.49
CA GLY C 50 -13.33 -15.06 -8.45
C GLY C 50 -14.20 -15.13 -7.21
N ALA C 51 -14.08 -14.16 -6.30
CA ALA C 51 -14.90 -14.14 -5.08
C ALA C 51 -16.31 -13.71 -5.43
N PRO C 52 -17.30 -13.98 -4.55
CA PRO C 52 -18.68 -13.48 -4.74
C PRO C 52 -18.72 -11.96 -4.89
N ASP C 53 -19.73 -11.45 -5.57
CA ASP C 53 -19.81 -10.02 -5.88
C ASP C 53 -19.80 -9.13 -4.64
N ASP C 54 -20.46 -9.57 -3.57
CA ASP C 54 -20.43 -8.84 -2.30
C ASP C 54 -19.10 -8.97 -1.49
N GLU C 55 -18.14 -9.76 -1.97
CA GLU C 55 -16.90 -10.04 -1.19
C GLU C 55 -15.58 -9.69 -1.93
N ALA C 56 -15.64 -9.51 -3.26
CA ALA C 56 -14.44 -9.48 -4.11
C ALA C 56 -13.56 -8.26 -3.85
N VAL C 57 -14.15 -7.09 -3.66
CA VAL C 57 -13.36 -5.89 -3.44
C VAL C 57 -13.28 -5.63 -1.94
N ARG C 58 -12.06 -5.75 -1.41
CA ARG C 58 -11.78 -5.39 -0.03
C ARG C 58 -11.01 -4.07 0.05
N ILE C 59 -11.51 -3.13 0.84
CA ILE C 59 -10.85 -1.85 1.04
C ILE C 59 -10.39 -1.81 2.48
N PHE C 60 -9.08 -1.65 2.69
CA PHE C 60 -8.47 -1.60 4.00
C PHE C 60 -8.02 -0.14 4.27
N LEU C 61 -8.29 0.33 5.49
CA LEU C 61 -7.84 1.61 6.00
C LEU C 61 -7.07 1.40 7.27
N GLU C 62 -5.79 1.79 7.28
CA GLU C 62 -5.00 1.80 8.51
C GLU C 62 -5.11 3.20 9.11
N PHE C 63 -5.74 3.33 10.28
CA PHE C 63 -5.73 4.58 11.01
C PHE C 63 -4.46 4.64 11.86
N GLU C 64 -4.10 5.83 12.32
CA GLU C 64 -2.98 5.96 13.25
C GLU C 64 -3.36 5.46 14.65
N ARG C 65 -4.64 5.56 14.99
CA ARG C 65 -5.14 5.28 16.35
C ARG C 65 -6.25 4.25 16.30
N VAL C 66 -6.25 3.30 17.23
CA VAL C 66 -7.30 2.27 17.31
C VAL C 66 -8.65 2.87 17.71
N GLU C 67 -8.62 3.98 18.44
CA GLU C 67 -9.85 4.70 18.79
C GLU C 67 -10.57 5.21 17.52
N SER C 68 -9.79 5.73 16.57
CA SER C 68 -10.28 6.13 15.24
C SER C 68 -10.91 4.97 14.44
N ALA C 69 -10.34 3.77 14.56
CA ALA C 69 -10.86 2.62 13.81
C ALA C 69 -12.22 2.17 14.37
N ILE C 70 -12.32 2.17 15.71
CA ILE C 70 -13.55 1.82 16.43
C ILE C 70 -14.75 2.69 16.02
N LYS C 71 -14.55 4.00 15.97
CA LYS C 71 -15.62 4.94 15.59
C LYS C 71 -16.06 4.68 14.16
N ALA C 72 -15.08 4.53 13.27
CA ALA C 72 -15.30 4.23 11.84
C ALA C 72 -16.10 2.96 11.63
N VAL C 73 -15.75 1.89 12.34
CA VAL C 73 -16.45 0.62 12.19
C VAL C 73 -17.92 0.75 12.60
N VAL C 74 -18.21 1.45 13.70
CA VAL C 74 -19.60 1.59 14.14
C VAL C 74 -20.42 2.47 13.18
N ASP C 75 -19.79 3.55 12.69
CA ASP C 75 -20.44 4.48 11.75
C ASP C 75 -20.56 3.91 10.34
N LEU C 76 -19.49 3.27 9.85
CA LEU C 76 -19.45 2.74 8.50
C LEU C 76 -20.20 1.44 8.30
N ASN C 77 -20.27 0.56 9.31
CA ASN C 77 -21.08 -0.64 9.16
C ASN C 77 -22.54 -0.27 8.90
N GLY C 78 -23.07 -0.68 7.75
CA GLY C 78 -24.47 -0.39 7.40
C GLY C 78 -24.70 0.92 6.67
N ARG C 79 -23.66 1.75 6.58
CA ARG C 79 -23.73 3.01 5.82
C ARG C 79 -23.84 2.66 4.35
N TYR C 80 -24.55 3.49 3.59
CA TYR C 80 -24.69 3.27 2.16
C TYR C 80 -23.51 3.89 1.43
N PHE C 81 -23.00 3.20 0.42
CA PHE C 81 -21.98 3.74 -0.49
C PHE C 81 -22.35 3.33 -1.90
N GLY C 82 -22.76 4.30 -2.72
CA GLY C 82 -23.13 4.03 -4.12
C GLY C 82 -24.23 2.99 -4.28
N GLY C 83 -25.27 3.11 -3.46
CA GLY C 83 -26.38 2.16 -3.51
C GLY C 83 -26.20 0.87 -2.71
N ARG C 84 -24.98 0.61 -2.22
CA ARG C 84 -24.68 -0.64 -1.50
C ARG C 84 -24.56 -0.47 0.02
N VAL C 85 -25.07 -1.46 0.76
CA VAL C 85 -24.88 -1.53 2.20
C VAL C 85 -23.46 -2.05 2.49
N VAL C 86 -22.65 -1.18 3.09
CA VAL C 86 -21.28 -1.52 3.50
C VAL C 86 -21.24 -2.43 4.72
N LYS C 87 -20.36 -3.44 4.66
CA LYS C 87 -19.99 -4.27 5.80
C LYS C 87 -18.63 -3.82 6.28
N ALA C 88 -18.58 -3.24 7.47
CA ALA C 88 -17.34 -2.81 8.10
C ALA C 88 -16.98 -3.73 9.28
N CYS C 89 -15.68 -3.93 9.45
CA CYS C 89 -15.16 -4.81 10.48
C CYS C 89 -13.68 -4.50 10.65
N PHE C 90 -13.05 -5.12 11.64
CA PHE C 90 -11.61 -4.95 11.86
C PHE C 90 -10.82 -6.03 11.14
N TYR C 91 -9.51 -5.83 11.07
CA TYR C 91 -8.60 -6.76 10.43
C TYR C 91 -7.30 -6.80 11.21
N ASN C 92 -6.74 -8.00 11.32
CA ASN C 92 -5.55 -8.25 12.13
C ASN C 92 -4.39 -7.46 11.53
N LEU C 93 -3.60 -6.82 12.39
CA LEU C 93 -2.61 -5.83 12.00
C LEU C 93 -1.48 -6.51 11.28
N ASP C 94 -1.06 -7.65 11.80
CA ASP C 94 0.09 -8.33 11.29
C ASP C 94 -0.19 -9.01 9.95
N LYS C 95 -1.42 -9.48 9.75
CA LYS C 95 -1.84 -10.04 8.46
C LYS C 95 -1.87 -8.94 7.42
N PHE C 96 -2.39 -7.77 7.81
CA PHE C 96 -2.40 -6.61 6.96
C PHE C 96 -0.99 -6.23 6.50
N ARG C 97 -0.07 -6.14 7.46
CA ARG C 97 1.31 -5.72 7.21
C ARG C 97 2.14 -6.69 6.35
N VAL C 98 1.84 -7.99 6.41
CA VAL C 98 2.48 -8.93 5.50
C VAL C 98 1.71 -9.13 4.19
N LEU C 99 0.63 -8.37 3.98
CA LEU C 99 -0.24 -8.47 2.79
C LEU C 99 -0.94 -9.82 2.64
N ASP C 100 -1.31 -10.42 3.77
CA ASP C 100 -2.27 -11.54 3.80
C ASP C 100 -3.68 -10.93 3.90
N LEU C 101 -4.24 -10.61 2.74
CA LEU C 101 -5.42 -9.74 2.61
C LEU C 101 -6.71 -10.49 2.28
N ALA C 102 -6.65 -11.81 2.23
CA ALA C 102 -7.77 -12.69 1.91
C ALA C 102 -8.13 -13.63 3.08
N GLU C 103 -7.76 -13.27 4.28
CA GLU C 103 -8.14 -14.04 5.45
C GLU C 103 -9.66 -13.97 5.70
N GLN C 104 -10.20 -15.05 6.27
CA GLN C 104 -11.59 -15.06 6.74
C GLN C 104 -11.77 -14.09 7.90
N VAL C 105 -12.89 -13.40 7.89
CA VAL C 105 -13.13 -12.30 8.82
C VAL C 105 -14.34 -12.60 9.73
N ARG D 2 -21.34 14.10 -9.56
CA ARG D 2 -20.78 13.70 -8.25
C ARG D 2 -20.53 14.96 -7.41
N LYS D 3 -20.96 15.01 -6.15
CA LYS D 3 -21.88 14.05 -5.48
C LYS D 3 -21.20 12.79 -4.99
N SER D 4 -20.79 12.82 -3.72
CA SER D 4 -20.17 11.67 -3.08
C SER D 4 -21.11 10.49 -3.15
N ARG D 5 -20.54 9.28 -3.24
CA ARG D 5 -21.31 8.04 -3.16
C ARG D 5 -21.59 7.61 -1.71
N TRP D 6 -20.98 8.31 -0.76
CA TRP D 6 -21.26 8.06 0.66
C TRP D 6 -22.69 8.44 0.95
N ASP D 7 -23.46 7.48 1.47
CA ASP D 7 -24.89 7.66 1.72
C ASP D 7 -25.63 8.03 0.46
N GLU D 8 -25.39 7.24 -0.58
CA GLU D 8 -26.21 7.27 -1.78
C GLU D 8 -27.07 6.02 -1.90
N THR D 9 -28.22 6.03 -1.21
CA THR D 9 -29.14 4.91 -1.25
C THR D 9 -29.43 4.57 -2.72
N PRO D 10 -29.93 3.36 -3.01
CA PRO D 10 -30.24 2.98 -4.39
C PRO D 10 -31.66 3.35 -4.85
#